data_2GRT
#
_entry.id   2GRT
#
_cell.length_a   119.400
_cell.length_b   84.530
_cell.length_c   63.460
_cell.angle_alpha   90.00
_cell.angle_beta   90.00
_cell.angle_gamma   58.71
#
_symmetry.space_group_name_H-M   'B 1 1 2'
#
loop_
_entity.id
_entity.type
_entity.pdbx_description
1 polymer 'GLUTATHIONE REDUCTASE'
2 non-polymer 'FLAVIN-ADENINE DINUCLEOTIDE'
3 non-polymer 'OXIDIZED GLUTATHIONE DISULFIDE'
#
_entity_poly.entity_id   1
_entity_poly.type   'polypeptide(L)'
_entity_poly.pdbx_seq_one_letter_code
;VASYDYLVIGGGSGGLESAWRAAELGARAAVVESHKLGGTCVNVGCVPKKVMWNTAVHSEFMHDHADYGFPSCEGKFNWR
VIKEKRDAYVSRLNAIYQNNLTKSHIEIIRGHAAFTSDPKPTIEVSGKKYTAPHILIATGGMPSTPHESQIPGASLGITS
DGFFQLEELPGRSVIVGAGYIAVEMAGILSALGSKTSLMIRHDKVLRSFDSMISTNCTEELENAGVEVLKFSQVKEVKKT
LSGLEVSMVTAVPGRLPVMTMIPDVDCLLWAIGRVPNTKDLSLNKLGIQTDDKGHIIVDEFQNTNVKGIYAVGDVCGKAL
LTPVAIAAGRKLAHRLFEYKEDSKLDYNNIPTVVFSHPPIGTVGLTEDEAIHKYGIENVKTYSTSFTPMYHAVTKRKTKC
VMKMVCANKEEKVVGIHMQGLGCDEMLQGFAVAVKMGATKADFDNTVAIHPTSSEELVTLR
;
_entity_poly.pdbx_strand_id   A
#
loop_
_chem_comp.id
_chem_comp.type
_chem_comp.name
_chem_comp.formula
FAD non-polymer 'FLAVIN-ADENINE DINUCLEOTIDE' 'C27 H33 N9 O15 P2'
GDS non-polymer 'OXIDIZED GLUTATHIONE DISULFIDE' 'C20 H32 N6 O12 S2'
#
# COMPACT_ATOMS: atom_id res chain seq x y z
N VAL A 1 -31.19 19.95 10.72
CA VAL A 1 -29.69 19.94 10.65
C VAL A 1 -29.16 19.89 12.09
N ALA A 2 -28.41 18.83 12.42
CA ALA A 2 -27.82 18.65 13.75
C ALA A 2 -26.36 19.07 13.75
N SER A 3 -25.95 19.88 14.72
CA SER A 3 -24.58 20.34 14.78
C SER A 3 -23.61 19.55 15.65
N TYR A 4 -22.41 19.38 15.13
CA TYR A 4 -21.33 18.72 15.86
C TYR A 4 -20.17 19.67 15.72
N ASP A 5 -19.05 19.36 16.36
CA ASP A 5 -17.85 20.20 16.28
C ASP A 5 -16.97 19.72 15.14
N TYR A 6 -17.13 18.44 14.82
CA TYR A 6 -16.37 17.80 13.79
C TYR A 6 -17.28 16.74 13.19
N LEU A 7 -17.27 16.65 11.88
CA LEU A 7 -18.07 15.68 11.16
C LEU A 7 -17.07 15.12 10.14
N VAL A 8 -16.55 13.94 10.44
CA VAL A 8 -15.57 13.28 9.56
C VAL A 8 -16.27 12.24 8.70
N ILE A 9 -16.28 12.42 7.38
CA ILE A 9 -16.91 11.48 6.45
C ILE A 9 -15.97 10.36 6.06
N GLY A 10 -16.17 9.19 6.65
CA GLY A 10 -15.31 8.07 6.32
C GLY A 10 -14.71 7.39 7.55
N GLY A 11 -15.15 6.17 7.85
CA GLY A 11 -14.63 5.43 8.99
C GLY A 11 -13.40 4.61 8.64
N GLY A 12 -12.47 5.25 7.90
CA GLY A 12 -11.24 4.61 7.53
C GLY A 12 -10.09 4.93 8.46
N SER A 13 -8.87 4.74 7.96
CA SER A 13 -7.69 4.99 8.75
C SER A 13 -7.49 6.44 9.17
N GLY A 14 -7.55 7.35 8.22
CA GLY A 14 -7.35 8.75 8.54
C GLY A 14 -8.57 9.29 9.23
N GLY A 15 -9.72 8.77 8.81
CA GLY A 15 -10.98 9.23 9.34
C GLY A 15 -11.09 9.06 10.82
N LEU A 16 -10.96 7.81 11.26
CA LEU A 16 -11.06 7.50 12.66
C LEU A 16 -10.04 8.25 13.54
N GLU A 17 -8.73 8.16 13.25
CA GLU A 17 -7.69 8.84 14.05
C GLU A 17 -8.07 10.28 14.31
N SER A 18 -8.47 10.98 13.26
CA SER A 18 -8.85 12.36 13.42
C SER A 18 -10.07 12.46 14.32
N ALA A 19 -10.98 11.50 14.20
CA ALA A 19 -12.18 11.53 15.04
C ALA A 19 -11.80 11.33 16.51
N TRP A 20 -11.00 10.29 16.79
CA TRP A 20 -10.53 9.98 18.15
C TRP A 20 -9.73 11.12 18.77
N ARG A 21 -8.76 11.64 18.02
CA ARG A 21 -7.94 12.74 18.47
C ARG A 21 -8.77 13.96 18.82
N ALA A 22 -9.77 14.23 17.98
CA ALA A 22 -10.68 15.34 18.20
C ALA A 22 -11.42 15.17 19.53
N ALA A 23 -11.97 13.98 19.79
CA ALA A 23 -12.72 13.72 21.03
C ALA A 23 -11.89 13.91 22.29
N GLU A 24 -10.63 13.52 22.23
CA GLU A 24 -9.70 13.67 23.36
C GLU A 24 -9.58 15.15 23.70
N LEU A 25 -9.74 15.98 22.67
CA LEU A 25 -9.60 17.41 22.83
C LEU A 25 -10.94 18.04 23.18
N GLY A 26 -11.90 17.22 23.56
CA GLY A 26 -13.17 17.74 23.97
C GLY A 26 -14.14 18.07 22.87
N ALA A 27 -13.80 17.76 21.63
CA ALA A 27 -14.70 18.07 20.53
C ALA A 27 -15.83 17.06 20.42
N ARG A 28 -16.99 17.53 19.94
CA ARG A 28 -18.18 16.70 19.72
C ARG A 28 -18.11 16.19 18.29
N ALA A 29 -17.70 14.94 18.14
CA ALA A 29 -17.56 14.39 16.81
C ALA A 29 -18.52 13.25 16.54
N ALA A 30 -18.56 12.90 15.25
CA ALA A 30 -19.38 11.82 14.73
C ALA A 30 -18.66 11.42 13.46
N VAL A 31 -18.73 10.13 13.12
CA VAL A 31 -18.09 9.57 11.92
C VAL A 31 -19.18 8.99 11.04
N VAL A 32 -19.12 9.28 9.75
CA VAL A 32 -20.09 8.71 8.83
C VAL A 32 -19.41 7.57 8.08
N GLU A 33 -19.99 6.38 8.08
CA GLU A 33 -19.38 5.26 7.39
C GLU A 33 -20.51 4.50 6.70
N SER A 34 -20.37 4.25 5.40
CA SER A 34 -21.41 3.56 4.65
C SER A 34 -21.28 2.07 4.63
N HIS A 35 -20.12 1.56 5.03
CA HIS A 35 -19.86 0.11 5.04
C HIS A 35 -19.34 -0.34 6.40
N LYS A 36 -18.34 -1.21 6.38
CA LYS A 36 -17.72 -1.74 7.59
C LYS A 36 -16.68 -0.72 8.02
N LEU A 37 -16.50 -0.56 9.32
CA LEU A 37 -15.52 0.40 9.84
C LEU A 37 -14.10 -0.12 9.74
N GLY A 38 -13.14 0.79 9.79
CA GLY A 38 -11.75 0.39 9.68
C GLY A 38 -11.26 0.56 8.24
N GLY A 39 -12.20 0.94 7.38
CA GLY A 39 -11.95 1.19 5.97
C GLY A 39 -11.32 0.10 5.15
N THR A 40 -10.49 0.51 4.21
CA THR A 40 -9.78 -0.37 3.30
C THR A 40 -8.73 -1.25 3.98
N CYS A 41 -7.82 -0.65 4.74
CA CYS A 41 -6.76 -1.36 5.43
C CYS A 41 -7.24 -2.64 6.12
N VAL A 42 -8.20 -2.48 7.03
CA VAL A 42 -8.76 -3.58 7.82
C VAL A 42 -9.56 -4.59 7.02
N ASN A 43 -10.33 -4.16 6.05
CA ASN A 43 -11.18 -5.09 5.32
C ASN A 43 -10.66 -5.74 4.04
N VAL A 44 -9.87 -4.98 3.29
CA VAL A 44 -9.31 -5.41 2.01
C VAL A 44 -7.93 -4.78 1.77
N GLY A 45 -7.10 -4.74 2.80
CA GLY A 45 -5.80 -4.13 2.67
C GLY A 45 -4.74 -4.69 3.59
N CYS A 46 -4.13 -3.81 4.36
CA CYS A 46 -3.06 -4.19 5.27
C CYS A 46 -3.35 -5.50 5.99
N VAL A 47 -4.42 -5.53 6.78
CA VAL A 47 -4.80 -6.70 7.58
C VAL A 47 -5.02 -8.00 6.82
N PRO A 48 -6.04 -8.11 5.95
CA PRO A 48 -6.22 -9.38 5.22
C PRO A 48 -4.98 -9.78 4.39
N LYS A 49 -4.37 -8.82 3.72
CA LYS A 49 -3.19 -9.03 2.90
C LYS A 49 -2.10 -9.67 3.77
N LYS A 50 -1.67 -8.98 4.82
CA LYS A 50 -0.63 -9.48 5.71
C LYS A 50 -0.91 -10.90 6.25
N VAL A 51 -2.17 -11.28 6.46
CA VAL A 51 -2.39 -12.66 6.92
C VAL A 51 -1.99 -13.58 5.78
N MET A 52 -2.40 -13.26 4.57
CA MET A 52 -2.04 -14.05 3.41
C MET A 52 -0.53 -14.07 3.21
N TRP A 53 0.14 -12.97 3.54
CA TRP A 53 1.58 -12.92 3.40
C TRP A 53 2.26 -13.88 4.39
N ASN A 54 1.88 -13.83 5.66
CA ASN A 54 2.45 -14.71 6.69
C ASN A 54 2.27 -16.15 6.23
N THR A 55 1.16 -16.40 5.53
CA THR A 55 0.84 -17.73 5.01
C THR A 55 1.75 -18.10 3.84
N ALA A 56 2.01 -17.15 2.95
CA ALA A 56 2.86 -17.44 1.82
C ALA A 56 4.27 -17.69 2.35
N VAL A 57 4.69 -16.89 3.33
CA VAL A 57 6.01 -17.01 3.95
C VAL A 57 6.15 -18.37 4.63
N HIS A 58 5.02 -18.96 4.95
CA HIS A 58 4.99 -20.26 5.60
C HIS A 58 5.25 -21.35 4.58
N SER A 59 4.73 -21.14 3.37
CA SER A 59 4.91 -22.08 2.30
C SER A 59 6.41 -22.22 2.01
N GLU A 60 7.13 -21.10 1.97
CA GLU A 60 8.57 -21.05 1.71
C GLU A 60 9.44 -21.80 2.70
N PHE A 61 9.36 -21.44 3.97
CA PHE A 61 10.13 -22.11 5.00
C PHE A 61 9.90 -23.62 5.02
N MET A 62 8.70 -24.06 4.67
CA MET A 62 8.39 -25.49 4.59
C MET A 62 9.35 -26.17 3.57
N HIS A 63 9.68 -25.47 2.48
CA HIS A 63 10.60 -25.98 1.44
C HIS A 63 11.98 -26.25 2.05
N ASP A 64 12.36 -25.39 2.99
CA ASP A 64 13.63 -25.48 3.70
C ASP A 64 13.63 -26.51 4.83
N HIS A 65 12.53 -27.22 5.01
CA HIS A 65 12.43 -28.20 6.11
C HIS A 65 13.49 -29.27 6.20
N ALA A 66 13.72 -29.95 5.08
CA ALA A 66 14.69 -31.02 5.03
C ALA A 66 16.13 -30.57 5.28
N ASP A 67 16.48 -29.38 4.80
CA ASP A 67 17.82 -28.84 4.99
C ASP A 67 18.11 -28.60 6.45
N TYR A 68 17.06 -28.35 7.24
CA TYR A 68 17.23 -28.11 8.65
C TYR A 68 17.06 -29.38 9.46
N GLY A 69 17.32 -30.51 8.81
CA GLY A 69 17.22 -31.78 9.48
C GLY A 69 15.83 -32.29 9.78
N PHE A 70 14.80 -31.66 9.22
CA PHE A 70 13.44 -32.15 9.49
C PHE A 70 12.90 -32.94 8.32
N PRO A 71 12.02 -33.92 8.56
CA PRO A 71 11.47 -34.69 7.45
C PRO A 71 10.65 -33.74 6.58
N SER A 72 10.18 -34.20 5.44
CA SER A 72 9.41 -33.33 4.57
C SER A 72 7.92 -33.58 4.65
N CYS A 73 7.15 -32.49 4.49
CA CYS A 73 5.69 -32.55 4.45
C CYS A 73 5.31 -32.26 3.00
N GLU A 74 4.43 -33.08 2.46
CA GLU A 74 3.95 -32.96 1.07
C GLU A 74 3.59 -31.54 0.62
N GLY A 75 2.52 -31.04 1.25
CA GLY A 75 1.98 -29.74 0.93
C GLY A 75 0.53 -30.03 0.58
N LYS A 76 -0.07 -29.08 -0.12
CA LYS A 76 -1.48 -29.09 -0.54
C LYS A 76 -2.10 -28.17 0.49
N PHE A 77 -1.93 -26.90 0.20
CA PHE A 77 -2.42 -25.83 1.04
C PHE A 77 -3.94 -25.76 0.91
N ASN A 78 -4.62 -25.64 2.04
CA ASN A 78 -6.05 -25.54 1.96
C ASN A 78 -6.37 -24.07 2.17
N TRP A 79 -6.82 -23.43 1.10
CA TRP A 79 -7.16 -22.02 1.11
C TRP A 79 -8.40 -21.70 1.96
N ARG A 80 -9.44 -22.53 1.86
CA ARG A 80 -10.71 -22.35 2.58
C ARG A 80 -10.48 -22.13 4.08
N VAL A 81 -9.68 -23.02 4.64
CA VAL A 81 -9.28 -23.01 6.04
C VAL A 81 -8.78 -21.65 6.45
N ILE A 82 -7.79 -21.14 5.72
CA ILE A 82 -7.18 -19.87 6.02
C ILE A 82 -8.07 -18.67 5.69
N LYS A 83 -8.87 -18.79 4.63
CA LYS A 83 -9.75 -17.68 4.26
C LYS A 83 -10.75 -17.47 5.37
N GLU A 84 -11.18 -18.57 5.97
CA GLU A 84 -12.13 -18.53 7.06
C GLU A 84 -11.57 -17.79 8.29
N LYS A 85 -10.29 -18.03 8.58
CA LYS A 85 -9.66 -17.43 9.72
C LYS A 85 -9.34 -15.97 9.51
N ARG A 86 -8.84 -15.69 8.31
CA ARG A 86 -8.48 -14.35 7.95
C ARG A 86 -9.74 -13.51 8.17
N ASP A 87 -10.87 -13.99 7.64
CA ASP A 87 -12.15 -13.31 7.79
C ASP A 87 -12.57 -13.14 9.21
N ALA A 88 -12.39 -14.17 10.03
CA ALA A 88 -12.77 -14.10 11.43
C ALA A 88 -12.03 -12.95 12.08
N TYR A 89 -10.72 -12.91 11.86
CA TYR A 89 -9.89 -11.86 12.42
C TYR A 89 -10.44 -10.49 12.01
N VAL A 90 -10.60 -10.28 10.71
CA VAL A 90 -11.11 -9.04 10.19
C VAL A 90 -12.42 -8.68 10.88
N SER A 91 -13.31 -9.65 11.11
CA SER A 91 -14.58 -9.31 11.79
C SER A 91 -14.43 -9.05 13.29
N ARG A 92 -13.30 -9.46 13.88
CA ARG A 92 -13.03 -9.19 15.29
C ARG A 92 -12.46 -7.78 15.45
N LEU A 93 -11.77 -7.29 14.42
CA LEU A 93 -11.21 -5.95 14.48
C LEU A 93 -12.33 -4.95 14.30
N ASN A 94 -13.38 -5.35 13.60
CA ASN A 94 -14.53 -4.47 13.37
C ASN A 94 -15.19 -4.12 14.70
N ALA A 95 -15.57 -5.15 15.46
CA ALA A 95 -16.21 -4.99 16.77
C ALA A 95 -15.36 -4.06 17.60
N ILE A 96 -14.05 -4.30 17.59
CA ILE A 96 -13.07 -3.51 18.33
C ILE A 96 -13.12 -2.05 17.96
N TYR A 97 -12.99 -1.76 16.67
CA TYR A 97 -13.03 -0.38 16.22
C TYR A 97 -14.31 0.28 16.65
N GLN A 98 -15.42 -0.42 16.49
CA GLN A 98 -16.71 0.15 16.89
C GLN A 98 -16.69 0.50 18.36
N ASN A 99 -16.26 -0.46 19.18
CA ASN A 99 -16.16 -0.28 20.62
C ASN A 99 -15.46 1.02 20.94
N ASN A 100 -14.19 1.14 20.53
CA ASN A 100 -13.36 2.33 20.75
C ASN A 100 -14.05 3.63 20.37
N LEU A 101 -14.86 3.62 19.32
CA LEU A 101 -15.53 4.85 18.92
C LEU A 101 -16.52 5.22 20.01
N THR A 102 -17.40 4.28 20.37
CA THR A 102 -18.37 4.55 21.42
C THR A 102 -17.69 4.84 22.78
N LYS A 103 -16.56 4.21 23.08
CA LYS A 103 -15.83 4.47 24.33
C LYS A 103 -15.40 5.95 24.32
N SER A 104 -15.09 6.49 23.14
CA SER A 104 -14.66 7.87 23.02
C SER A 104 -15.80 8.83 22.78
N HIS A 105 -17.02 8.34 22.91
CA HIS A 105 -18.21 9.15 22.73
C HIS A 105 -18.28 9.75 21.34
N ILE A 106 -17.97 8.91 20.36
CA ILE A 106 -17.98 9.30 18.98
C ILE A 106 -19.12 8.57 18.31
N GLU A 107 -20.10 9.33 17.86
CA GLU A 107 -21.27 8.79 17.18
C GLU A 107 -20.88 8.23 15.83
N ILE A 108 -21.61 7.23 15.35
CA ILE A 108 -21.35 6.67 14.03
C ILE A 108 -22.67 6.80 13.29
N ILE A 109 -22.71 7.67 12.29
CA ILE A 109 -23.91 7.89 11.46
C ILE A 109 -23.75 6.91 10.29
N ARG A 110 -24.31 5.71 10.41
CA ARG A 110 -24.16 4.69 9.37
C ARG A 110 -24.91 5.00 8.09
N GLY A 111 -24.16 5.25 7.02
CA GLY A 111 -24.73 5.57 5.73
C GLY A 111 -23.79 6.30 4.79
N HIS A 112 -24.34 6.71 3.67
CA HIS A 112 -23.57 7.40 2.64
C HIS A 112 -23.75 8.90 2.66
N ALA A 113 -22.69 9.62 3.00
CA ALA A 113 -22.73 11.09 3.03
C ALA A 113 -22.60 11.78 1.66
N ALA A 114 -23.23 12.93 1.51
CA ALA A 114 -23.19 13.70 0.28
C ALA A 114 -23.39 15.16 0.71
N PHE A 115 -22.63 16.08 0.12
CA PHE A 115 -22.74 17.48 0.47
C PHE A 115 -24.05 18.02 -0.08
N THR A 116 -24.60 19.07 0.54
CA THR A 116 -25.86 19.66 0.06
C THR A 116 -25.65 21.06 -0.46
N SER A 117 -26.69 21.56 -1.11
CA SER A 117 -26.71 22.88 -1.70
C SER A 117 -26.95 23.98 -0.67
N ASP A 118 -26.93 23.60 0.59
CA ASP A 118 -27.11 24.54 1.68
C ASP A 118 -25.86 25.43 1.74
N PRO A 119 -26.04 26.76 1.76
CA PRO A 119 -24.95 27.75 1.82
C PRO A 119 -23.74 27.31 2.63
N LYS A 120 -23.93 27.17 3.95
CA LYS A 120 -22.83 26.73 4.81
C LYS A 120 -22.65 25.21 4.57
N PRO A 121 -21.39 24.75 4.59
CA PRO A 121 -21.13 23.33 4.37
C PRO A 121 -21.96 22.42 5.30
N THR A 122 -22.90 21.72 4.68
CA THR A 122 -23.81 20.81 5.34
C THR A 122 -23.86 19.52 4.53
N ILE A 123 -24.01 18.38 5.17
CA ILE A 123 -24.05 17.12 4.46
C ILE A 123 -25.35 16.38 4.74
N GLU A 124 -25.74 15.51 3.82
CA GLU A 124 -26.96 14.76 3.98
C GLU A 124 -26.75 13.25 3.90
N VAL A 125 -27.13 12.57 4.97
CA VAL A 125 -27.01 11.13 5.05
C VAL A 125 -28.45 10.64 5.22
N SER A 126 -28.89 9.74 4.34
CA SER A 126 -30.26 9.19 4.40
C SER A 126 -31.36 10.18 4.87
N GLY A 127 -31.59 11.23 4.08
CA GLY A 127 -32.61 12.21 4.42
C GLY A 127 -32.24 13.23 5.49
N LYS A 128 -31.55 12.78 6.53
CA LYS A 128 -31.14 13.66 7.61
C LYS A 128 -29.94 14.57 7.25
N LYS A 129 -29.98 15.80 7.78
CA LYS A 129 -28.92 16.76 7.55
C LYS A 129 -28.06 16.93 8.79
N TYR A 130 -26.75 17.07 8.59
CA TYR A 130 -25.79 17.25 9.68
C TYR A 130 -24.76 18.24 9.19
N THR A 131 -24.34 19.13 10.07
CA THR A 131 -23.33 20.11 9.75
C THR A 131 -22.34 20.20 10.93
N ALA A 132 -21.25 20.92 10.70
CA ALA A 132 -20.23 21.09 11.72
C ALA A 132 -19.36 22.21 11.25
N PRO A 133 -18.69 22.90 12.16
CA PRO A 133 -17.80 24.01 11.77
C PRO A 133 -16.54 23.51 11.04
N HIS A 134 -16.29 22.21 11.14
CA HIS A 134 -15.16 21.56 10.51
C HIS A 134 -15.63 20.20 10.06
N ILE A 135 -15.47 19.90 8.78
CA ILE A 135 -15.87 18.63 8.20
C ILE A 135 -14.62 18.00 7.52
N LEU A 136 -14.39 16.70 7.70
CA LEU A 136 -13.23 16.07 7.05
C LEU A 136 -13.67 15.02 6.04
N ILE A 137 -13.05 15.02 4.87
CA ILE A 137 -13.39 14.04 3.85
C ILE A 137 -12.33 12.97 3.78
N ALA A 138 -12.59 11.85 4.44
CA ALA A 138 -11.68 10.72 4.48
C ALA A 138 -12.31 9.51 3.79
N THR A 139 -12.79 9.71 2.56
CA THR A 139 -13.46 8.67 1.79
C THR A 139 -12.56 7.71 1.00
N GLY A 140 -11.24 7.88 1.09
CA GLY A 140 -10.30 7.00 0.41
C GLY A 140 -10.53 6.71 -1.07
N GLY A 141 -10.17 5.51 -1.52
CA GLY A 141 -10.34 5.17 -2.91
C GLY A 141 -10.85 3.77 -3.24
N MET A 142 -10.91 3.45 -4.53
CA MET A 142 -11.37 2.16 -5.02
C MET A 142 -10.37 1.64 -6.03
N PRO A 143 -10.35 0.33 -6.26
CA PRO A 143 -9.43 -0.28 -7.22
C PRO A 143 -9.93 0.14 -8.60
N SER A 144 -9.05 0.41 -9.54
CA SER A 144 -9.54 0.78 -10.85
C SER A 144 -9.55 -0.46 -11.74
N THR A 145 -10.46 -0.43 -12.72
CA THR A 145 -10.62 -1.51 -13.67
C THR A 145 -10.82 -0.86 -15.03
N PRO A 146 -10.23 -1.45 -16.09
CA PRO A 146 -10.33 -0.97 -17.46
C PRO A 146 -11.75 -0.97 -17.94
N HIS A 147 -12.00 -0.23 -19.02
CA HIS A 147 -13.34 -0.18 -19.60
C HIS A 147 -13.44 -1.23 -20.68
N GLU A 148 -14.63 -1.76 -20.84
CA GLU A 148 -14.86 -2.76 -21.86
C GLU A 148 -14.47 -2.11 -23.20
N SER A 149 -14.75 -0.83 -23.35
CA SER A 149 -14.42 -0.11 -24.59
C SER A 149 -12.94 -0.15 -24.93
N GLN A 150 -12.08 -0.01 -23.92
CA GLN A 150 -10.63 -0.07 -24.11
C GLN A 150 -10.21 -1.53 -24.28
N ILE A 151 -10.38 -2.31 -23.21
CA ILE A 151 -10.03 -3.72 -23.21
C ILE A 151 -11.32 -4.49 -23.13
N PRO A 152 -11.82 -4.95 -24.26
CA PRO A 152 -13.06 -5.72 -24.25
C PRO A 152 -12.87 -7.00 -23.43
N GLY A 153 -13.76 -7.20 -22.45
CA GLY A 153 -13.70 -8.37 -21.60
C GLY A 153 -13.07 -8.05 -20.26
N ALA A 154 -12.68 -6.79 -20.05
CA ALA A 154 -12.04 -6.36 -18.81
C ALA A 154 -12.81 -6.74 -17.56
N SER A 155 -14.14 -6.59 -17.62
CA SER A 155 -15.03 -6.90 -16.49
C SER A 155 -14.92 -8.32 -15.98
N LEU A 156 -14.27 -9.17 -16.77
CA LEU A 156 -14.05 -10.58 -16.42
C LEU A 156 -12.95 -10.78 -15.37
N GLY A 157 -12.07 -9.78 -15.20
CA GLY A 157 -11.00 -9.89 -14.22
C GLY A 157 -11.41 -9.33 -12.87
N ILE A 158 -10.73 -9.75 -11.80
CA ILE A 158 -11.06 -9.28 -10.46
C ILE A 158 -10.05 -8.22 -10.00
N THR A 159 -10.19 -7.71 -8.78
CA THR A 159 -9.24 -6.72 -8.27
C THR A 159 -8.79 -7.24 -6.90
N SER A 160 -8.03 -6.44 -6.17
CA SER A 160 -7.58 -6.84 -4.82
C SER A 160 -8.81 -7.13 -3.93
N ASP A 161 -9.89 -6.37 -4.12
CA ASP A 161 -11.11 -6.60 -3.38
C ASP A 161 -11.50 -8.04 -3.67
N GLY A 162 -11.79 -8.31 -4.94
CA GLY A 162 -12.16 -9.66 -5.35
C GLY A 162 -11.23 -10.76 -4.85
N PHE A 163 -9.95 -10.44 -4.77
CA PHE A 163 -8.94 -11.37 -4.28
C PHE A 163 -9.36 -11.81 -2.85
N PHE A 164 -9.80 -10.86 -2.04
CA PHE A 164 -10.21 -11.16 -0.68
C PHE A 164 -11.56 -11.83 -0.55
N GLN A 165 -12.22 -12.04 -1.68
CA GLN A 165 -13.49 -12.72 -1.67
C GLN A 165 -13.27 -14.15 -2.16
N LEU A 166 -12.08 -14.42 -2.71
CA LEU A 166 -11.74 -15.74 -3.25
C LEU A 166 -11.79 -16.81 -2.19
N GLU A 167 -12.53 -17.88 -2.51
CA GLU A 167 -12.73 -19.05 -1.64
C GLU A 167 -11.76 -20.20 -1.81
N GLU A 168 -11.19 -20.35 -3.01
CA GLU A 168 -10.25 -21.44 -3.28
C GLU A 168 -9.07 -20.96 -4.12
N LEU A 169 -7.93 -21.64 -3.98
CA LEU A 169 -6.71 -21.25 -4.70
C LEU A 169 -6.82 -21.49 -6.19
N PRO A 170 -6.85 -20.39 -6.97
CA PRO A 170 -6.94 -20.43 -8.44
C PRO A 170 -5.76 -21.18 -9.01
N GLY A 171 -6.01 -22.10 -9.94
CA GLY A 171 -4.93 -22.88 -10.52
C GLY A 171 -3.95 -22.05 -11.33
N ARG A 172 -4.47 -21.15 -12.15
CA ARG A 172 -3.63 -20.32 -12.99
C ARG A 172 -3.93 -18.84 -12.76
N SER A 173 -2.92 -18.09 -12.42
CA SER A 173 -3.11 -16.67 -12.19
C SER A 173 -2.24 -15.81 -13.10
N VAL A 174 -2.83 -14.68 -13.48
CA VAL A 174 -2.15 -13.70 -14.31
C VAL A 174 -2.54 -12.44 -13.57
N ILE A 175 -1.55 -11.62 -13.30
CA ILE A 175 -1.74 -10.37 -12.60
C ILE A 175 -1.22 -9.36 -13.58
N VAL A 176 -1.88 -8.21 -13.63
CA VAL A 176 -1.51 -7.14 -14.54
C VAL A 176 -1.18 -5.91 -13.69
N GLY A 177 0.11 -5.63 -13.55
CA GLY A 177 0.53 -4.47 -12.80
C GLY A 177 1.94 -4.60 -12.28
N ALA A 178 2.59 -3.46 -12.08
CA ALA A 178 3.94 -3.51 -11.61
C ALA A 178 4.23 -2.67 -10.38
N GLY A 179 3.24 -2.53 -9.51
CA GLY A 179 3.34 -1.77 -8.27
C GLY A 179 3.39 -2.71 -7.09
N TYR A 180 3.42 -2.19 -5.87
CA TYR A 180 3.47 -3.09 -4.72
C TYR A 180 2.29 -4.05 -4.62
N ILE A 181 1.08 -3.62 -4.95
CA ILE A 181 -0.03 -4.54 -4.84
C ILE A 181 0.15 -5.71 -5.79
N ALA A 182 0.36 -5.39 -7.06
CA ALA A 182 0.57 -6.37 -8.14
C ALA A 182 1.60 -7.33 -7.69
N VAL A 183 2.74 -6.82 -7.25
CA VAL A 183 3.84 -7.66 -6.75
C VAL A 183 3.43 -8.58 -5.58
N GLU A 184 2.76 -8.01 -4.57
CA GLU A 184 2.35 -8.79 -3.40
C GLU A 184 1.38 -9.91 -3.78
N MET A 185 0.45 -9.66 -4.68
CA MET A 185 -0.48 -10.68 -5.10
C MET A 185 0.31 -11.77 -5.82
N ALA A 186 1.23 -11.35 -6.67
CA ALA A 186 2.07 -12.27 -7.42
C ALA A 186 2.83 -13.15 -6.45
N GLY A 187 3.39 -12.53 -5.40
CA GLY A 187 4.13 -13.27 -4.39
C GLY A 187 3.30 -14.32 -3.65
N ILE A 188 2.13 -13.93 -3.11
CA ILE A 188 1.26 -14.83 -2.38
C ILE A 188 0.67 -15.98 -3.19
N LEU A 189 0.10 -15.67 -4.35
CA LEU A 189 -0.49 -16.66 -5.23
C LEU A 189 0.52 -17.69 -5.70
N SER A 190 1.73 -17.22 -5.96
CA SER A 190 2.80 -18.10 -6.44
C SER A 190 3.39 -19.01 -5.38
N ALA A 191 3.53 -18.47 -4.15
CA ALA A 191 4.06 -19.22 -3.03
C ALA A 191 3.02 -20.28 -2.62
N LEU A 192 1.75 -19.91 -2.67
CA LEU A 192 0.72 -20.84 -2.29
C LEU A 192 0.38 -21.87 -3.37
N GLY A 193 0.92 -21.68 -4.57
CA GLY A 193 0.69 -22.67 -5.60
C GLY A 193 0.19 -22.32 -6.99
N SER A 194 -0.51 -21.20 -7.16
CA SER A 194 -1.04 -20.86 -8.48
C SER A 194 0.11 -20.65 -9.45
N LYS A 195 -0.08 -21.03 -10.72
CA LYS A 195 0.95 -20.82 -11.75
C LYS A 195 0.77 -19.34 -12.11
N THR A 196 1.54 -18.48 -11.47
CA THR A 196 1.43 -17.03 -11.65
C THR A 196 2.28 -16.38 -12.73
N SER A 197 1.68 -15.42 -13.42
CA SER A 197 2.36 -14.62 -14.42
C SER A 197 2.05 -13.18 -13.99
N LEU A 198 3.06 -12.32 -13.97
CA LEU A 198 2.86 -10.91 -13.63
C LEU A 198 3.08 -10.19 -14.96
N MET A 199 2.14 -9.35 -15.37
CA MET A 199 2.23 -8.68 -16.65
C MET A 199 2.49 -7.18 -16.56
N ILE A 200 3.70 -6.79 -16.94
CA ILE A 200 4.13 -5.40 -16.86
C ILE A 200 4.46 -4.74 -18.19
N ARG A 201 4.09 -3.45 -18.31
CA ARG A 201 4.33 -2.65 -19.54
C ARG A 201 5.81 -2.43 -19.85
N HIS A 202 6.65 -2.65 -18.86
CA HIS A 202 8.07 -2.45 -19.03
C HIS A 202 8.84 -3.73 -18.73
N ASP A 203 10.11 -3.55 -18.44
CA ASP A 203 11.05 -4.60 -18.14
C ASP A 203 11.20 -4.88 -16.65
N LYS A 204 10.74 -3.94 -15.82
CA LYS A 204 10.86 -4.08 -14.37
C LYS A 204 9.63 -3.65 -13.60
N VAL A 205 9.62 -4.02 -12.32
CA VAL A 205 8.52 -3.70 -11.42
C VAL A 205 8.99 -2.72 -10.38
N LEU A 206 8.04 -2.02 -9.77
CA LEU A 206 8.36 -1.05 -8.74
C LEU A 206 9.32 -0.09 -9.37
N ARG A 207 8.97 0.38 -10.57
CA ARG A 207 9.85 1.29 -11.28
C ARG A 207 10.06 2.67 -10.65
N SER A 208 9.31 2.95 -9.57
CA SER A 208 9.43 4.24 -8.88
C SER A 208 10.40 4.16 -7.69
N PHE A 209 10.75 2.93 -7.29
CA PHE A 209 11.68 2.73 -6.18
C PHE A 209 13.11 2.89 -6.68
N ASP A 210 14.08 2.90 -5.77
CA ASP A 210 15.45 3.01 -6.23
C ASP A 210 15.73 1.90 -7.25
N SER A 211 16.52 2.20 -8.27
CA SER A 211 16.83 1.24 -9.34
C SER A 211 17.24 -0.13 -8.83
N MET A 212 17.87 -0.16 -7.67
CA MET A 212 18.32 -1.41 -7.11
C MET A 212 17.17 -2.31 -6.72
N ILE A 213 16.15 -1.70 -6.13
CA ILE A 213 14.97 -2.40 -5.69
C ILE A 213 14.24 -2.84 -6.92
N SER A 214 14.10 -1.94 -7.88
CA SER A 214 13.40 -2.25 -9.12
C SER A 214 14.02 -3.48 -9.76
N THR A 215 15.33 -3.44 -9.90
CA THR A 215 16.10 -4.55 -10.48
C THR A 215 16.05 -5.83 -9.66
N ASN A 216 16.36 -5.72 -8.37
CA ASN A 216 16.38 -6.91 -7.53
C ASN A 216 14.99 -7.55 -7.42
N CYS A 217 13.97 -6.72 -7.26
CA CYS A 217 12.64 -7.26 -7.14
C CYS A 217 12.20 -7.98 -8.40
N THR A 218 12.63 -7.53 -9.57
CA THR A 218 12.22 -8.22 -10.80
C THR A 218 12.92 -9.58 -10.78
N GLU A 219 14.16 -9.60 -10.32
CA GLU A 219 14.93 -10.83 -10.22
C GLU A 219 14.36 -11.87 -9.27
N GLU A 220 14.24 -11.50 -7.99
CA GLU A 220 13.71 -12.40 -6.98
C GLU A 220 12.38 -12.98 -7.44
N LEU A 221 11.55 -12.14 -8.05
CA LEU A 221 10.25 -12.57 -8.57
C LEU A 221 10.43 -13.74 -9.50
N GLU A 222 11.30 -13.57 -10.50
CA GLU A 222 11.52 -14.62 -11.45
C GLU A 222 12.06 -15.87 -10.78
N ASN A 223 13.09 -15.69 -9.95
CA ASN A 223 13.73 -16.78 -9.21
C ASN A 223 12.82 -17.57 -8.26
N ALA A 224 11.57 -17.13 -8.09
CA ALA A 224 10.61 -17.79 -7.18
C ALA A 224 9.45 -18.48 -7.87
N GLY A 225 9.49 -18.54 -9.20
CA GLY A 225 8.44 -19.21 -9.96
C GLY A 225 7.35 -18.31 -10.54
N VAL A 226 7.52 -17.00 -10.40
CA VAL A 226 6.56 -16.05 -10.96
C VAL A 226 7.10 -15.73 -12.34
N GLU A 227 6.24 -15.76 -13.35
CA GLU A 227 6.67 -15.48 -14.69
C GLU A 227 6.41 -14.01 -14.95
N VAL A 228 7.46 -13.25 -15.21
CA VAL A 228 7.33 -11.82 -15.49
C VAL A 228 7.29 -11.65 -17.02
N LEU A 229 6.15 -11.18 -17.53
CA LEU A 229 5.98 -10.95 -18.95
C LEU A 229 6.24 -9.49 -19.20
N LYS A 230 7.50 -9.12 -19.39
CA LYS A 230 7.87 -7.72 -19.66
C LYS A 230 7.33 -7.17 -20.99
N PHE A 231 7.13 -5.86 -21.04
CA PHE A 231 6.63 -5.20 -22.24
C PHE A 231 5.36 -5.81 -22.84
N SER A 232 4.44 -6.29 -21.99
CA SER A 232 3.22 -6.91 -22.48
C SER A 232 1.92 -6.19 -22.08
N GLN A 233 0.88 -6.33 -22.88
CA GLN A 233 -0.40 -5.66 -22.58
C GLN A 233 -1.57 -6.59 -22.91
N VAL A 234 -2.59 -6.61 -22.05
CA VAL A 234 -3.74 -7.44 -22.32
C VAL A 234 -4.55 -6.67 -23.37
N LYS A 235 -4.71 -7.25 -24.57
CA LYS A 235 -5.45 -6.63 -25.66
C LYS A 235 -6.98 -6.75 -25.49
N GLU A 236 -7.44 -7.94 -25.08
CA GLU A 236 -8.85 -8.22 -24.85
C GLU A 236 -8.92 -9.50 -24.02
N VAL A 237 -10.06 -9.74 -23.38
CA VAL A 237 -10.19 -10.92 -22.54
C VAL A 237 -11.43 -11.70 -22.93
N LYS A 238 -11.36 -13.03 -22.96
CA LYS A 238 -12.50 -13.87 -23.33
C LYS A 238 -12.75 -15.05 -22.40
N LYS A 239 -14.02 -15.33 -22.14
CA LYS A 239 -14.43 -16.42 -21.26
C LYS A 239 -14.69 -17.72 -22.05
N THR A 240 -13.75 -18.65 -22.01
CA THR A 240 -13.88 -19.93 -22.72
C THR A 240 -14.55 -20.93 -21.78
N LEU A 241 -14.90 -22.10 -22.29
CA LEU A 241 -15.53 -23.09 -21.42
C LEU A 241 -14.56 -23.76 -20.43
N SER A 242 -13.29 -23.37 -20.46
CA SER A 242 -12.30 -23.94 -19.56
C SER A 242 -11.69 -22.92 -18.61
N GLY A 243 -11.69 -21.65 -19.02
CA GLY A 243 -11.14 -20.60 -18.19
C GLY A 243 -11.29 -19.29 -18.90
N LEU A 244 -10.26 -18.47 -18.84
CA LEU A 244 -10.28 -17.20 -19.52
C LEU A 244 -9.18 -17.24 -20.57
N GLU A 245 -9.31 -16.46 -21.63
CA GLU A 245 -8.27 -16.44 -22.63
C GLU A 245 -7.77 -15.01 -22.76
N VAL A 246 -6.60 -14.76 -22.20
CA VAL A 246 -6.01 -13.45 -22.24
C VAL A 246 -5.24 -13.30 -23.54
N SER A 247 -5.66 -12.32 -24.31
CA SER A 247 -5.02 -12.04 -25.57
C SER A 247 -4.19 -10.84 -25.24
N MET A 248 -2.87 -10.98 -25.35
CA MET A 248 -1.99 -9.90 -25.04
C MET A 248 -0.97 -9.64 -26.12
N VAL A 249 -0.56 -8.39 -26.22
CA VAL A 249 0.43 -7.91 -27.16
C VAL A 249 1.75 -7.67 -26.40
N THR A 250 2.87 -8.17 -26.94
CA THR A 250 4.18 -7.99 -26.33
C THR A 250 5.06 -7.21 -27.31
N ALA A 251 5.42 -5.98 -26.95
CA ALA A 251 6.24 -5.14 -27.81
C ALA A 251 7.56 -4.75 -27.16
N VAL A 252 8.55 -5.64 -27.27
CA VAL A 252 9.88 -5.40 -26.70
C VAL A 252 10.56 -4.41 -27.64
N PRO A 253 11.10 -3.29 -27.11
CA PRO A 253 11.76 -2.31 -27.98
C PRO A 253 12.80 -2.97 -28.88
N GLY A 254 12.75 -2.65 -30.17
CA GLY A 254 13.67 -3.25 -31.12
C GLY A 254 13.13 -4.51 -31.76
N ARG A 255 11.94 -4.95 -31.35
CA ARG A 255 11.33 -6.13 -31.91
C ARG A 255 9.92 -5.83 -32.38
N LEU A 256 9.41 -6.71 -33.23
CA LEU A 256 8.08 -6.57 -33.79
C LEU A 256 7.09 -7.13 -32.79
N PRO A 257 5.97 -6.42 -32.58
CA PRO A 257 4.92 -6.83 -31.66
C PRO A 257 4.50 -8.27 -31.91
N VAL A 258 4.29 -9.01 -30.83
CA VAL A 258 3.87 -10.40 -30.97
C VAL A 258 2.59 -10.53 -30.16
N MET A 259 1.53 -10.95 -30.82
CA MET A 259 0.23 -11.15 -30.17
C MET A 259 0.26 -12.57 -29.60
N THR A 260 -0.24 -12.72 -28.38
CA THR A 260 -0.24 -14.02 -27.72
C THR A 260 -1.52 -14.31 -26.92
N MET A 261 -1.84 -15.61 -26.78
CA MET A 261 -3.00 -16.06 -26.03
C MET A 261 -2.49 -16.78 -24.79
N ILE A 262 -3.07 -16.44 -23.65
CA ILE A 262 -2.75 -17.12 -22.39
C ILE A 262 -4.14 -17.69 -22.13
N PRO A 263 -4.27 -19.03 -22.19
CA PRO A 263 -5.52 -19.75 -21.97
C PRO A 263 -5.60 -20.44 -20.61
N ASP A 264 -6.75 -21.04 -20.32
CA ASP A 264 -6.95 -21.75 -19.07
C ASP A 264 -6.69 -20.89 -17.83
N VAL A 265 -6.95 -19.58 -17.94
CA VAL A 265 -6.70 -18.69 -16.81
C VAL A 265 -7.85 -18.68 -15.81
N ASP A 266 -7.53 -19.05 -14.58
CA ASP A 266 -8.53 -19.10 -13.51
C ASP A 266 -8.80 -17.72 -12.93
N CYS A 267 -7.74 -16.92 -12.81
CA CYS A 267 -7.82 -15.58 -12.25
C CYS A 267 -7.07 -14.53 -13.07
N LEU A 268 -7.73 -13.40 -13.30
CA LEU A 268 -7.11 -12.29 -14.02
C LEU A 268 -7.31 -11.20 -13.01
N LEU A 269 -6.24 -10.74 -12.41
CA LEU A 269 -6.33 -9.73 -11.37
C LEU A 269 -5.85 -8.39 -11.87
N TRP A 270 -6.64 -7.35 -11.68
CA TRP A 270 -6.28 -6.01 -12.13
C TRP A 270 -5.65 -5.15 -11.02
N ALA A 271 -4.32 -5.10 -10.97
CA ALA A 271 -3.65 -4.28 -9.98
C ALA A 271 -2.94 -3.11 -10.67
N ILE A 272 -3.70 -2.41 -11.49
CA ILE A 272 -3.21 -1.26 -12.24
C ILE A 272 -3.36 0.13 -11.58
N GLY A 273 -4.08 0.23 -10.45
CA GLY A 273 -4.23 1.54 -9.82
C GLY A 273 -5.45 1.72 -8.92
N ARG A 274 -5.52 2.89 -8.26
CA ARG A 274 -6.59 3.26 -7.33
C ARG A 274 -7.28 4.54 -7.78
N VAL A 275 -8.60 4.62 -7.64
CA VAL A 275 -9.33 5.82 -8.03
C VAL A 275 -9.96 6.39 -6.75
N PRO A 276 -10.17 7.72 -6.67
CA PRO A 276 -10.76 8.30 -5.47
C PRO A 276 -12.28 8.11 -5.32
N ASN A 277 -12.74 7.97 -4.08
CA ASN A 277 -14.14 7.83 -3.79
C ASN A 277 -14.73 9.24 -3.64
N THR A 278 -14.73 10.03 -4.71
CA THR A 278 -15.25 11.39 -4.59
C THR A 278 -16.53 11.69 -5.33
N LYS A 279 -16.74 10.96 -6.43
CA LYS A 279 -17.90 11.13 -7.29
C LYS A 279 -19.23 11.50 -6.60
N ASP A 280 -19.76 10.57 -5.81
CA ASP A 280 -21.05 10.78 -5.14
C ASP A 280 -21.17 11.66 -3.90
N LEU A 281 -20.11 12.36 -3.53
CA LEU A 281 -20.13 13.29 -2.40
C LEU A 281 -20.80 14.61 -2.81
N SER A 282 -21.06 14.78 -4.10
CA SER A 282 -21.63 16.03 -4.59
C SER A 282 -20.77 17.19 -4.09
N LEU A 283 -19.51 17.18 -4.53
CA LEU A 283 -18.54 18.21 -4.20
C LEU A 283 -18.88 19.48 -4.95
N ASN A 284 -19.42 19.30 -6.16
CA ASN A 284 -19.80 20.42 -7.01
C ASN A 284 -20.83 21.31 -6.36
N LYS A 285 -21.54 20.80 -5.36
CA LYS A 285 -22.55 21.62 -4.66
C LYS A 285 -21.86 22.79 -3.94
N LEU A 286 -20.63 22.59 -3.49
CA LEU A 286 -19.89 23.64 -2.80
C LEU A 286 -18.74 24.21 -3.63
N GLY A 287 -18.45 23.58 -4.77
CA GLY A 287 -17.35 24.04 -5.60
C GLY A 287 -16.03 23.57 -5.03
N ILE A 288 -16.06 22.45 -4.33
CA ILE A 288 -14.86 21.87 -3.72
C ILE A 288 -14.02 21.38 -4.88
N GLN A 289 -12.89 22.04 -5.06
CA GLN A 289 -11.95 21.75 -6.12
C GLN A 289 -11.32 20.35 -6.06
N THR A 290 -11.15 19.75 -7.24
CA THR A 290 -10.53 18.44 -7.40
C THR A 290 -9.68 18.52 -8.66
N ASP A 291 -8.96 17.44 -8.96
CA ASP A 291 -8.14 17.42 -10.15
C ASP A 291 -8.85 16.66 -11.27
N ASP A 292 -8.14 16.46 -12.38
CA ASP A 292 -8.69 15.76 -13.54
C ASP A 292 -9.07 14.32 -13.22
N LYS A 293 -8.36 13.69 -12.30
CA LYS A 293 -8.66 12.30 -11.93
C LYS A 293 -9.58 12.14 -10.70
N GLY A 294 -10.16 13.25 -10.24
CA GLY A 294 -11.08 13.20 -9.13
C GLY A 294 -10.55 13.27 -7.71
N HIS A 295 -9.23 13.28 -7.51
CA HIS A 295 -8.68 13.36 -6.16
C HIS A 295 -9.10 14.71 -5.65
N ILE A 296 -8.92 14.98 -4.36
CA ILE A 296 -9.28 16.29 -3.78
C ILE A 296 -8.03 17.15 -3.50
N ILE A 297 -7.96 18.29 -4.15
CA ILE A 297 -6.84 19.23 -4.03
C ILE A 297 -6.79 19.84 -2.62
N VAL A 298 -5.66 19.67 -1.91
CA VAL A 298 -5.48 20.22 -0.55
C VAL A 298 -4.13 20.94 -0.38
N ASP A 299 -3.96 21.69 0.71
CA ASP A 299 -2.70 22.38 0.93
C ASP A 299 -1.82 21.66 1.96
N GLU A 300 -0.81 22.31 2.52
CA GLU A 300 0.10 21.71 3.52
C GLU A 300 -0.69 21.25 4.76
N PHE A 301 -1.80 21.91 5.00
CA PHE A 301 -2.65 21.65 6.13
C PHE A 301 -3.95 20.92 5.82
N GLN A 302 -3.97 20.19 4.73
CA GLN A 302 -5.14 19.40 4.34
C GLN A 302 -6.41 20.19 4.02
N ASN A 303 -6.25 21.52 3.93
CA ASN A 303 -7.37 22.41 3.60
C ASN A 303 -7.82 22.27 2.16
N THR A 304 -9.14 22.32 1.92
CA THR A 304 -9.65 22.29 0.54
C THR A 304 -9.70 23.76 0.17
N ASN A 305 -10.33 24.14 -0.94
CA ASN A 305 -10.41 25.57 -1.26
C ASN A 305 -11.58 26.20 -0.50
N VAL A 306 -12.47 25.33 -0.01
CA VAL A 306 -13.65 25.71 0.75
C VAL A 306 -13.28 25.81 2.24
N LYS A 307 -13.58 26.94 2.87
CA LYS A 307 -13.27 27.13 4.28
C LYS A 307 -14.15 26.22 5.11
N GLY A 308 -13.52 25.44 5.99
CA GLY A 308 -14.25 24.52 6.85
C GLY A 308 -14.20 23.08 6.39
N ILE A 309 -13.66 22.84 5.20
CA ILE A 309 -13.55 21.49 4.66
C ILE A 309 -12.09 21.10 4.39
N TYR A 310 -11.73 19.90 4.80
CA TYR A 310 -10.38 19.37 4.67
C TYR A 310 -10.51 18.01 4.07
N ALA A 311 -9.39 17.39 3.75
CA ALA A 311 -9.41 16.06 3.17
C ALA A 311 -8.07 15.44 3.49
N VAL A 312 -8.07 14.16 3.84
CA VAL A 312 -6.83 13.46 4.14
C VAL A 312 -6.93 12.02 3.65
N GLY A 313 -5.78 11.39 3.45
CA GLY A 313 -5.79 10.02 3.01
C GLY A 313 -5.75 9.81 1.52
N ASP A 314 -6.05 8.59 1.11
CA ASP A 314 -6.03 8.21 -0.29
C ASP A 314 -6.79 9.15 -1.18
N VAL A 315 -7.91 9.68 -0.68
CA VAL A 315 -8.76 10.57 -1.48
C VAL A 315 -7.97 11.71 -2.10
N CYS A 316 -6.89 12.12 -1.45
CA CYS A 316 -6.06 13.21 -1.93
C CYS A 316 -5.06 12.78 -3.01
N GLY A 317 -4.81 11.47 -3.07
CA GLY A 317 -3.91 10.94 -4.07
C GLY A 317 -2.44 10.97 -3.71
N LYS A 318 -2.08 11.38 -2.49
CA LYS A 318 -0.68 11.44 -2.08
C LYS A 318 -0.31 10.47 -0.97
N ALA A 319 0.86 9.85 -1.14
CA ALA A 319 1.42 8.89 -0.20
C ALA A 319 0.34 7.97 0.32
N LEU A 320 -0.21 7.13 -0.58
CA LEU A 320 -1.29 6.21 -0.25
C LEU A 320 -0.92 5.07 0.70
N LEU A 321 -0.85 5.41 1.98
CA LEU A 321 -0.53 4.47 3.04
C LEU A 321 -1.40 4.74 4.30
N THR A 322 -1.74 3.69 5.06
CA THR A 322 -2.56 3.85 6.28
C THR A 322 -1.87 4.80 7.23
N PRO A 323 -0.61 4.52 7.60
CA PRO A 323 0.07 5.43 8.52
C PRO A 323 0.12 6.92 8.07
N VAL A 324 0.04 7.18 6.77
CA VAL A 324 0.05 8.54 6.26
C VAL A 324 -1.33 9.17 6.45
N ALA A 325 -2.39 8.42 6.13
CA ALA A 325 -3.75 8.94 6.30
C ALA A 325 -3.84 9.28 7.77
N ILE A 326 -3.52 8.29 8.59
CA ILE A 326 -3.53 8.39 10.04
C ILE A 326 -2.77 9.62 10.56
N ALA A 327 -1.49 9.70 10.20
CA ALA A 327 -0.66 10.82 10.64
C ALA A 327 -1.20 12.20 10.30
N ALA A 328 -1.84 12.31 9.15
CA ALA A 328 -2.41 13.58 8.70
C ALA A 328 -3.74 13.86 9.41
N GLY A 329 -4.45 12.80 9.78
CA GLY A 329 -5.71 13.00 10.46
C GLY A 329 -5.43 13.43 11.88
N ARG A 330 -4.37 12.87 12.43
CA ARG A 330 -3.90 13.16 13.77
C ARG A 330 -3.51 14.63 13.87
N LYS A 331 -2.61 15.08 13.00
CA LYS A 331 -2.15 16.46 13.02
C LYS A 331 -3.26 17.49 12.81
N LEU A 332 -4.23 17.15 11.98
CA LEU A 332 -5.34 18.04 11.73
C LEU A 332 -6.11 18.27 13.03
N ALA A 333 -6.49 17.21 13.72
CA ALA A 333 -7.23 17.36 14.97
C ALA A 333 -6.51 18.27 15.93
N HIS A 334 -5.20 18.13 16.03
CA HIS A 334 -4.42 18.95 16.93
C HIS A 334 -4.37 20.38 16.46
N ARG A 335 -4.48 20.61 15.17
CA ARG A 335 -4.44 21.95 14.63
C ARG A 335 -5.75 22.66 14.89
N LEU A 336 -6.85 22.00 14.54
CA LEU A 336 -8.19 22.58 14.70
C LEU A 336 -8.66 22.66 16.15
N PHE A 337 -8.45 21.59 16.92
CA PHE A 337 -8.87 21.54 18.30
C PHE A 337 -7.83 21.92 19.36
N GLU A 338 -6.54 21.71 19.08
CA GLU A 338 -5.53 22.10 20.05
C GLU A 338 -4.90 23.44 19.65
N TYR A 339 -5.34 23.96 18.51
CA TYR A 339 -4.90 25.25 18.01
C TYR A 339 -3.45 25.33 17.56
N LYS A 340 -2.82 24.17 17.34
CA LYS A 340 -1.44 24.12 16.85
C LYS A 340 -1.49 24.51 15.36
N GLU A 341 -1.44 25.83 15.16
CA GLU A 341 -1.50 26.48 13.85
C GLU A 341 -0.58 25.92 12.77
N ASP A 342 0.51 25.30 13.19
CA ASP A 342 1.47 24.71 12.27
C ASP A 342 1.57 23.18 12.37
N SER A 343 0.49 22.56 12.81
CA SER A 343 0.40 21.11 12.92
C SER A 343 0.04 20.60 11.54
N LYS A 344 0.98 19.89 10.92
CA LYS A 344 0.79 19.32 9.59
C LYS A 344 1.75 18.16 9.39
N LEU A 345 1.42 17.26 8.46
CA LEU A 345 2.29 16.12 8.21
C LEU A 345 3.41 16.46 7.26
N ASP A 346 4.61 16.03 7.62
CA ASP A 346 5.79 16.21 6.81
C ASP A 346 5.79 14.99 5.88
N TYR A 347 5.51 15.22 4.60
CA TYR A 347 5.50 14.11 3.64
C TYR A 347 6.86 13.67 3.10
N ASN A 348 7.94 14.01 3.80
CA ASN A 348 9.29 13.61 3.38
C ASN A 348 9.78 12.59 4.37
N ASN A 349 10.49 11.58 3.89
CA ASN A 349 11.03 10.53 4.75
C ASN A 349 9.94 9.67 5.39
N ILE A 350 8.92 9.36 4.60
CA ILE A 350 7.81 8.49 5.00
C ILE A 350 8.37 7.10 4.66
N PRO A 351 8.35 6.15 5.63
CA PRO A 351 8.86 4.81 5.40
C PRO A 351 7.82 3.89 4.81
N THR A 352 8.28 2.95 4.00
CA THR A 352 7.41 2.01 3.35
C THR A 352 8.08 0.67 3.15
N VAL A 353 7.29 -0.38 3.34
CA VAL A 353 7.73 -1.75 3.22
C VAL A 353 6.77 -2.42 2.26
N VAL A 354 7.32 -3.18 1.33
CA VAL A 354 6.55 -3.91 0.35
C VAL A 354 6.75 -5.33 0.82
N PHE A 355 5.66 -6.10 0.86
CA PHE A 355 5.71 -7.47 1.33
C PHE A 355 5.90 -8.48 0.23
N SER A 356 7.04 -8.33 -0.45
CA SER A 356 7.45 -9.22 -1.51
C SER A 356 8.26 -10.28 -0.81
N HIS A 357 8.83 -11.19 -1.57
CA HIS A 357 9.62 -12.27 -0.99
C HIS A 357 11.05 -12.25 -1.51
N PRO A 358 12.03 -11.78 -0.71
CA PRO A 358 11.94 -11.27 0.65
C PRO A 358 11.32 -9.87 0.68
N PRO A 359 11.05 -9.29 1.86
CA PRO A 359 10.45 -7.96 1.95
C PRO A 359 11.35 -6.79 1.60
N ILE A 360 10.75 -5.74 1.05
CA ILE A 360 11.45 -4.53 0.65
C ILE A 360 11.20 -3.48 1.69
N GLY A 361 12.21 -2.71 2.02
CA GLY A 361 12.03 -1.67 3.00
C GLY A 361 12.68 -0.46 2.37
N THR A 362 12.08 0.70 2.54
CA THR A 362 12.67 1.89 1.96
C THR A 362 12.16 3.16 2.64
N VAL A 363 12.99 4.19 2.63
CA VAL A 363 12.65 5.47 3.23
C VAL A 363 13.62 6.49 2.64
N GLY A 364 13.12 7.67 2.31
CA GLY A 364 14.00 8.69 1.78
C GLY A 364 14.11 8.75 0.28
N LEU A 365 15.15 9.43 -0.18
CA LEU A 365 15.43 9.63 -1.58
C LEU A 365 16.12 8.48 -2.28
N THR A 366 15.77 8.30 -3.56
CA THR A 366 16.38 7.27 -4.38
C THR A 366 17.70 7.89 -4.81
N GLU A 367 18.56 7.14 -5.48
CA GLU A 367 19.83 7.73 -5.87
C GLU A 367 19.54 8.86 -6.84
N ASP A 368 18.74 8.56 -7.85
CA ASP A 368 18.33 9.55 -8.85
C ASP A 368 17.85 10.85 -8.23
N GLU A 369 16.84 10.76 -7.36
CA GLU A 369 16.30 11.95 -6.71
C GLU A 369 17.34 12.73 -5.90
N ALA A 370 18.32 12.02 -5.33
CA ALA A 370 19.35 12.70 -4.56
C ALA A 370 20.24 13.39 -5.58
N ILE A 371 20.56 12.67 -6.66
CA ILE A 371 21.39 13.21 -7.75
C ILE A 371 20.80 14.50 -8.30
N HIS A 372 19.49 14.49 -8.55
CA HIS A 372 18.80 15.65 -9.09
C HIS A 372 18.40 16.71 -8.05
N LYS A 373 18.77 16.50 -6.81
CA LYS A 373 18.41 17.44 -5.75
C LYS A 373 19.67 18.11 -5.23
N TYR A 374 20.77 17.35 -5.21
CA TYR A 374 22.05 17.82 -4.70
C TYR A 374 23.12 17.99 -5.77
N GLY A 375 23.03 17.17 -6.81
CA GLY A 375 23.99 17.19 -7.90
C GLY A 375 24.96 16.01 -7.79
N ILE A 376 25.35 15.40 -8.90
CA ILE A 376 26.24 14.24 -8.80
C ILE A 376 27.41 14.44 -7.87
N GLU A 377 28.16 15.51 -8.09
CA GLU A 377 29.34 15.80 -7.28
C GLU A 377 29.10 15.66 -5.77
N ASN A 378 27.86 15.87 -5.34
CA ASN A 378 27.49 15.81 -3.93
C ASN A 378 26.75 14.57 -3.42
N VAL A 379 26.67 13.50 -4.20
CA VAL A 379 25.95 12.32 -3.73
C VAL A 379 26.82 11.07 -3.72
N LYS A 380 26.95 10.48 -2.54
CA LYS A 380 27.71 9.26 -2.37
C LYS A 380 26.69 8.21 -1.98
N THR A 381 26.90 6.97 -2.41
CA THR A 381 26.00 5.87 -2.10
C THR A 381 26.85 4.68 -1.68
N TYR A 382 26.42 4.01 -0.61
CA TYR A 382 27.15 2.87 -0.10
C TYR A 382 26.24 1.69 -0.25
N SER A 383 26.78 0.52 -0.52
CA SER A 383 25.91 -0.64 -0.69
C SER A 383 26.65 -1.90 -0.44
N THR A 384 25.88 -2.96 -0.26
CA THR A 384 26.41 -4.28 0.02
C THR A 384 25.38 -5.25 -0.53
N SER A 385 25.78 -6.49 -0.69
CA SER A 385 24.91 -7.51 -1.22
C SER A 385 25.44 -8.82 -0.66
N PHE A 386 24.65 -9.46 0.19
CA PHE A 386 25.07 -10.68 0.84
C PHE A 386 23.90 -11.62 0.96
N THR A 387 24.18 -12.90 1.18
CA THR A 387 23.11 -13.89 1.38
C THR A 387 23.03 -14.15 2.87
N PRO A 388 21.88 -13.82 3.48
CA PRO A 388 21.58 -13.97 4.90
C PRO A 388 22.04 -15.33 5.37
N MET A 389 22.55 -15.44 6.59
CA MET A 389 23.02 -16.74 7.06
C MET A 389 21.95 -17.81 7.28
N TYR A 390 20.71 -17.42 7.04
CA TYR A 390 19.60 -18.36 7.14
C TYR A 390 19.79 -19.32 5.99
N HIS A 391 20.33 -18.80 4.89
CA HIS A 391 20.54 -19.63 3.72
C HIS A 391 21.91 -20.23 3.66
N ALA A 392 22.60 -20.23 4.81
CA ALA A 392 23.95 -20.77 4.91
C ALA A 392 23.88 -22.29 4.75
N VAL A 393 22.76 -22.88 5.18
CA VAL A 393 22.56 -24.32 5.11
C VAL A 393 21.42 -24.78 4.20
N THR A 394 20.72 -23.85 3.56
CA THR A 394 19.61 -24.19 2.67
C THR A 394 20.07 -24.20 1.20
N LYS A 395 19.41 -25.01 0.36
CA LYS A 395 19.75 -25.06 -1.07
C LYS A 395 19.00 -23.94 -1.78
N ARG A 396 17.86 -23.55 -1.22
CA ARG A 396 17.02 -22.47 -1.72
C ARG A 396 17.77 -21.21 -1.29
N LYS A 397 17.78 -20.20 -2.12
CA LYS A 397 18.49 -18.99 -1.75
C LYS A 397 17.72 -17.72 -2.11
N THR A 398 18.12 -16.64 -1.46
CA THR A 398 17.60 -15.29 -1.67
C THR A 398 18.77 -14.41 -1.23
N LYS A 399 18.80 -13.18 -1.70
CA LYS A 399 19.90 -12.30 -1.32
C LYS A 399 19.38 -11.31 -0.33
N CYS A 400 20.15 -10.24 -0.18
CA CYS A 400 19.82 -9.12 0.65
C CYS A 400 20.69 -8.03 0.04
N VAL A 401 20.04 -6.94 -0.36
CA VAL A 401 20.78 -5.84 -0.95
C VAL A 401 20.53 -4.60 -0.11
N MET A 402 21.57 -3.87 0.22
CA MET A 402 21.38 -2.66 1.00
C MET A 402 22.08 -1.53 0.32
N LYS A 403 21.41 -0.37 0.26
CA LYS A 403 21.99 0.82 -0.37
C LYS A 403 21.71 2.01 0.50
N MET A 404 22.75 2.80 0.74
CA MET A 404 22.68 4.00 1.53
C MET A 404 23.01 5.18 0.60
N VAL A 405 22.17 6.20 0.59
CA VAL A 405 22.39 7.37 -0.25
C VAL A 405 22.82 8.51 0.68
N CYS A 406 23.92 9.19 0.41
CA CYS A 406 24.38 10.26 1.27
C CYS A 406 24.61 11.58 0.56
N ALA A 407 24.07 12.66 1.12
CA ALA A 407 24.18 14.00 0.55
C ALA A 407 25.24 14.88 1.20
N ASN A 408 25.86 15.71 0.37
CA ASN A 408 26.89 16.67 0.76
C ASN A 408 28.13 16.02 1.38
N LYS A 409 29.00 16.86 1.93
CA LYS A 409 30.25 16.42 2.55
C LYS A 409 30.15 15.87 3.96
N GLU A 410 29.00 16.08 4.61
CA GLU A 410 28.78 15.56 5.96
C GLU A 410 28.27 14.10 5.90
N GLU A 411 27.76 13.75 4.72
CA GLU A 411 27.18 12.45 4.42
C GLU A 411 25.84 12.21 5.11
N LYS A 412 24.96 13.19 5.00
CA LYS A 412 23.61 13.12 5.57
C LYS A 412 22.88 12.03 4.84
N VAL A 413 22.44 11.00 5.56
CA VAL A 413 21.70 9.91 4.96
C VAL A 413 20.37 10.46 4.47
N VAL A 414 20.20 10.62 3.16
CA VAL A 414 18.94 11.13 2.67
C VAL A 414 18.03 10.01 2.17
N GLY A 415 18.54 8.77 2.16
CA GLY A 415 17.72 7.67 1.71
C GLY A 415 18.33 6.30 1.94
N ILE A 416 17.49 5.35 2.35
CA ILE A 416 17.89 3.95 2.60
C ILE A 416 16.97 3.02 1.81
N HIS A 417 17.55 2.00 1.18
CA HIS A 417 16.79 1.09 0.34
C HIS A 417 17.36 -0.26 0.54
N MET A 418 16.51 -1.27 0.75
CA MET A 418 16.96 -2.62 1.01
C MET A 418 15.91 -3.66 0.72
N GLN A 419 16.35 -4.90 0.51
CA GLN A 419 15.46 -6.02 0.27
C GLN A 419 16.06 -7.30 0.84
N GLY A 420 15.24 -8.07 1.54
CA GLY A 420 15.73 -9.31 2.14
C GLY A 420 15.07 -9.64 3.47
N LEU A 421 15.38 -10.82 4.01
CA LEU A 421 14.79 -11.26 5.27
C LEU A 421 15.00 -10.32 6.47
N GLY A 422 13.89 -9.93 7.12
CA GLY A 422 13.99 -9.06 8.28
C GLY A 422 13.87 -7.60 7.94
N CYS A 423 13.91 -7.29 6.66
CA CYS A 423 13.79 -5.89 6.26
C CYS A 423 12.45 -5.27 6.59
N ASP A 424 11.41 -6.07 6.86
CA ASP A 424 10.09 -5.50 7.20
C ASP A 424 10.04 -4.91 8.61
N GLU A 425 10.69 -5.60 9.54
CA GLU A 425 10.76 -5.13 10.91
C GLU A 425 12.00 -4.27 11.14
N MET A 426 12.98 -4.43 10.27
CA MET A 426 14.26 -3.72 10.38
C MET A 426 14.25 -2.24 10.04
N LEU A 427 13.23 -1.81 9.30
CA LEU A 427 13.16 -0.42 8.82
C LEU A 427 12.78 0.72 9.73
N GLN A 428 11.92 0.48 10.72
CA GLN A 428 11.45 1.58 11.58
C GLN A 428 12.51 2.42 12.23
N GLY A 429 13.47 1.79 12.88
CA GLY A 429 14.49 2.56 13.54
C GLY A 429 15.24 3.48 12.60
N PHE A 430 15.66 2.93 11.48
CA PHE A 430 16.39 3.76 10.55
C PHE A 430 15.52 4.91 10.03
N ALA A 431 14.20 4.74 9.96
CA ALA A 431 13.33 5.80 9.47
C ALA A 431 13.31 6.93 10.46
N VAL A 432 13.44 6.60 11.74
CA VAL A 432 13.44 7.56 12.84
C VAL A 432 14.78 8.30 12.77
N ALA A 433 15.84 7.53 12.65
CA ALA A 433 17.18 8.10 12.57
C ALA A 433 17.26 8.96 11.34
N VAL A 434 16.75 8.45 10.24
CA VAL A 434 16.79 9.20 9.00
C VAL A 434 15.97 10.48 9.21
N LYS A 435 14.80 10.37 9.84
CA LYS A 435 13.99 11.55 10.06
C LYS A 435 14.72 12.60 10.87
N MET A 436 15.55 12.15 11.80
CA MET A 436 16.31 13.07 12.65
C MET A 436 17.40 13.84 11.95
N GLY A 437 17.78 13.39 10.74
CA GLY A 437 18.83 14.04 9.95
C GLY A 437 20.20 13.44 10.20
N ALA A 438 20.18 12.13 10.42
CA ALA A 438 21.34 11.35 10.73
C ALA A 438 22.27 11.34 9.56
N THR A 439 23.56 11.34 9.88
CA THR A 439 24.62 11.29 8.91
C THR A 439 25.16 9.86 8.98
N LYS A 440 26.07 9.56 8.05
CA LYS A 440 26.68 8.26 7.97
C LYS A 440 27.56 7.97 9.17
N ALA A 441 27.95 9.00 9.90
CA ALA A 441 28.79 8.80 11.07
C ALA A 441 27.93 8.28 12.22
N ASP A 442 26.77 8.89 12.42
CA ASP A 442 25.87 8.46 13.48
C ASP A 442 25.56 6.97 13.31
N PHE A 443 25.38 6.54 12.06
CA PHE A 443 25.09 5.13 11.77
C PHE A 443 26.34 4.35 12.12
N ASP A 444 27.46 4.76 11.54
CA ASP A 444 28.75 4.10 11.78
C ASP A 444 29.32 4.15 13.20
N ASN A 445 28.71 4.94 14.10
CA ASN A 445 29.17 5.04 15.49
C ASN A 445 28.27 4.31 16.47
N THR A 446 27.45 3.43 15.91
CA THR A 446 26.52 2.63 16.67
C THR A 446 27.05 1.20 16.72
N VAL A 447 27.11 0.65 17.92
CA VAL A 447 27.59 -0.71 18.07
C VAL A 447 26.63 -1.70 17.42
N ALA A 448 27.20 -2.54 16.58
CA ALA A 448 26.45 -3.53 15.84
C ALA A 448 25.82 -4.62 16.70
N ILE A 449 24.78 -5.26 16.14
CA ILE A 449 24.05 -6.36 16.78
C ILE A 449 24.34 -7.54 15.85
N HIS A 450 25.20 -8.46 16.31
CA HIS A 450 25.71 -9.64 15.56
C HIS A 450 25.24 -10.95 16.22
N PRO A 451 24.70 -11.89 15.43
CA PRO A 451 24.50 -11.86 13.99
C PRO A 451 23.09 -11.43 13.58
N THR A 452 23.00 -10.43 12.70
CA THR A 452 21.71 -9.93 12.18
C THR A 452 21.99 -9.44 10.76
N SER A 453 20.95 -9.14 9.99
CA SER A 453 21.13 -8.57 8.67
C SER A 453 21.23 -7.06 8.90
N SER A 454 20.62 -6.57 9.97
CA SER A 454 20.61 -5.16 10.30
C SER A 454 21.98 -4.60 10.60
N GLU A 455 22.92 -5.43 11.05
CA GLU A 455 24.25 -4.92 11.35
C GLU A 455 24.97 -4.44 10.10
N GLU A 456 24.57 -4.95 8.94
CA GLU A 456 25.17 -4.55 7.66
C GLU A 456 25.00 -3.07 7.35
N LEU A 457 23.85 -2.52 7.74
CA LEU A 457 23.57 -1.12 7.48
C LEU A 457 24.50 -0.19 8.25
N VAL A 458 24.92 -0.61 9.44
CA VAL A 458 25.80 0.21 10.23
C VAL A 458 27.29 -0.11 10.04
N THR A 459 27.62 -0.95 9.04
CA THR A 459 29.05 -1.24 8.77
C THR A 459 29.33 -1.10 7.28
N LEU A 460 28.61 -0.21 6.60
CA LEU A 460 28.84 -0.04 5.18
C LEU A 460 30.10 0.77 5.00
N ARG A 461 31.03 0.24 4.19
CA ARG A 461 32.29 0.95 3.93
C ARG A 461 32.48 1.23 2.42
PA FAD B . -10.06 4.28 3.71
O1A FAD B . -9.93 3.62 2.41
O2A FAD B . -9.51 3.61 4.91
O5B FAD B . -11.63 4.26 3.99
C5B FAD B . -12.64 5.17 3.63
C4B FAD B . -13.92 4.74 4.30
O4B FAD B . -14.89 5.73 3.92
C3B FAD B . -14.41 3.41 3.86
O3B FAD B . -14.80 2.48 4.84
C2B FAD B . -15.46 3.91 2.95
O2B FAD B . -16.46 2.99 2.89
C1B FAD B . -16.07 5.10 3.56
N9A FAD B . -16.84 5.97 2.58
C8A FAD B . -16.46 6.29 1.29
N7A FAD B . -17.13 7.30 0.80
C5A FAD B . -18.09 7.62 1.76
C6A FAD B . -19.20 8.55 1.73
N6A FAD B . -19.62 9.27 0.68
N1A FAD B . -19.89 8.61 2.89
C2A FAD B . -19.70 7.69 3.83
N3A FAD B . -18.92 6.62 3.79
C4A FAD B . -18.04 6.68 2.77
N1 FAD B . -1.43 0.48 3.24
C2 FAD B . -0.48 0.26 4.15
O2 FAD B . -0.02 1.14 4.80
N3 FAD B . 0.06 -1.01 4.35
C4 FAD B . -0.30 -2.12 3.67
O4 FAD B . 0.25 -3.23 3.94
C4X FAD B . -1.39 -1.88 2.62
N5 FAD B . -1.84 -2.84 1.92
C5X FAD B . -2.83 -2.59 1.07
C6 FAD B . -3.26 -3.69 0.38
C7 FAD B . -4.28 -3.61 -0.56
C7M FAD B . -4.36 -4.40 -1.19
C8 FAD B . -4.96 -2.28 -0.75
C8M FAD B . -5.73 -2.13 -1.35
C9 FAD B . -4.47 -1.17 -0.01
C9A FAD B . -3.41 -1.29 0.88
N10 FAD B . -2.86 -0.24 1.65
C10 FAD B . -1.86 -0.49 2.52
C1' FAD B . -3.32 1.19 1.55
C2' FAD B . -4.25 1.66 2.66
O2' FAD B . -5.25 0.73 2.79
C3' FAD B . -4.96 2.93 2.32
O3' FAD B . -4.02 3.89 1.96
C4' FAD B . -5.70 3.54 3.51
O4' FAD B . -6.73 2.74 3.93
C5' FAD B . -6.27 4.95 3.23
O5' FAD B . -7.06 5.57 4.24
P FAD B . -8.27 6.60 4.10
O1P FAD B . -8.42 7.05 5.49
O2P FAD B . -8.17 7.74 3.10
O3P FAD B . -9.45 5.67 3.61
N1 GDS C . -0.95 1.84 16.20
CA1 GDS C . -0.83 1.46 14.75
C1 GDS C . -1.00 2.69 13.80
OE1 GDS C . -0.55 2.60 12.61
OE2 GDS C . -1.57 3.73 14.26
CB1 GDS C . -1.78 0.27 14.40
CG1 GDS C . -3.14 0.24 15.17
CD1 GDS C . -4.37 0.55 14.29
O1 GDS C . -5.49 0.74 14.82
N2 GDS C . -4.19 0.28 12.98
CA2 GDS C . -5.18 0.45 11.88
C2 GDS C . -6.10 1.68 11.80
O2 GDS C . -6.88 1.79 10.82
CB2 GDS C . -6.07 -0.82 11.74
SG2 GDS C . -5.28 -2.46 11.52
N3 GDS C . -6.19 2.44 12.89
CA3 GDS C . -7.04 3.62 12.93
C3 GDS C . -6.51 4.73 13.82
OE3 GDS C . -6.50 5.87 13.32
OE4 GDS C . -6.10 4.49 14.97
N4 GDS C . -6.17 -2.85 17.11
CA4 GDS C . -7.27 -2.82 18.04
C4 GDS C . -7.01 -1.67 18.98
OE5 GDS C . -6.86 -1.92 20.20
OE6 GDS C . -6.91 -0.51 18.48
C5 GDS C . -5.69 -3.99 16.67
O5 GDS C . -5.77 -5.06 17.28
CA5 GDS C . -4.53 -3.76 15.74
N5 GDS C . -3.38 -4.58 16.21
CB5 GDS C . -4.93 -3.97 14.25
SG5 GDS C . -4.10 -2.76 13.17
CA6 GDS C . 0.92 -5.16 15.81
C6 GDS C . 0.75 -5.93 14.54
OE7 GDS C . 0.49 -5.28 13.51
OE8 GDS C . 0.92 -7.15 14.58
N6 GDS C . 1.38 -3.81 15.41
CB6 GDS C . -0.39 -5.06 16.64
CG6 GDS C . -1.51 -6.05 16.30
CD6 GDS C . -2.63 -5.39 15.48
O6 GDS C . -2.90 -5.73 14.29
#